data_7SEB
#
_entry.id   7SEB
#
_cell.length_a   69.210
_cell.length_b   138.905
_cell.length_c   66.483
_cell.angle_alpha   90.000
_cell.angle_beta   90.000
_cell.angle_gamma   90.000
#
_symmetry.space_group_name_H-M   'C 2 2 21'
#
loop_
_entity.id
_entity.type
_entity.pdbx_description
1 polymer "rRNA 2'-O-methyltransferase fibrillarin"
2 non-polymer 6-(trifluoromethyl)pyrimidin-4-amine
3 non-polymer 'FORMIC ACID'
4 water water
#
_entity_poly.entity_id   1
_entity_poly.type   'polypeptide(L)'
_entity_poly.pdbx_seq_one_letter_code
;SNAGKNVMVEPHRHEGVFICRGKEDALVTKNLVPGESVYGEKRVSISEGDDKIEYRAWNPFRSKLAAAILGGVDQIHIKP
GAKVLYLGAASGTTVSHVSDIVGPDGLVYAVEFSHRSGRDLINLAKKRTNIIPVIEDARHPHKYRMLIAMVDVIFADVAQ
PDQTRIVALNAHTFLRNGGHFVISIKANCIDSTASAEAVFASEVKKMQQENMKPQEQLTLEPYERDHAVVVGVYRPPPKV
KN
;
_entity_poly.pdbx_strand_id   A
#
# COMPACT_ATOMS: atom_id res chain seq x y z
N ASN A 6 -27.13 -13.40 -12.72
CA ASN A 6 -26.31 -13.55 -11.51
C ASN A 6 -24.96 -12.82 -11.63
N VAL A 7 -24.69 -11.89 -10.72
CA VAL A 7 -23.44 -11.13 -10.71
C VAL A 7 -22.49 -11.75 -9.69
N MET A 8 -21.38 -12.31 -10.18
CA MET A 8 -20.49 -13.09 -9.32
C MET A 8 -19.52 -12.21 -8.54
N VAL A 9 -18.84 -11.30 -9.22
CA VAL A 9 -17.89 -10.39 -8.60
C VAL A 9 -18.56 -9.03 -8.48
N GLU A 10 -18.66 -8.52 -7.24
CA GLU A 10 -19.29 -7.28 -6.86
C GLU A 10 -18.26 -6.22 -6.49
N PRO A 11 -18.46 -4.96 -6.87
CA PRO A 11 -17.63 -3.90 -6.30
C PRO A 11 -17.72 -3.90 -4.78
N HIS A 12 -16.55 -3.95 -4.16
CA HIS A 12 -16.41 -3.70 -2.73
C HIS A 12 -16.74 -2.25 -2.42
N ARG A 13 -16.83 -1.95 -1.14
CA ARG A 13 -17.09 -0.57 -0.75
C ARG A 13 -15.95 0.35 -1.17
N HIS A 14 -14.71 -0.15 -1.15
CA HIS A 14 -13.57 0.64 -1.61
C HIS A 14 -13.48 0.58 -3.13
N GLU A 15 -13.49 1.75 -3.76
CA GLU A 15 -13.43 1.80 -5.20
C GLU A 15 -12.17 1.11 -5.69
N GLY A 16 -12.31 0.31 -6.74
CA GLY A 16 -11.22 -0.47 -7.29
C GLY A 16 -11.01 -1.82 -6.65
N VAL A 17 -11.78 -2.15 -5.61
CA VAL A 17 -11.68 -3.44 -4.92
C VAL A 17 -13.01 -4.17 -5.15
N PHE A 18 -12.96 -5.50 -5.10
CA PHE A 18 -14.07 -6.34 -5.51
C PHE A 18 -14.12 -7.57 -4.60
N ILE A 19 -15.27 -8.28 -4.61
CA ILE A 19 -15.50 -9.45 -3.75
C ILE A 19 -16.00 -10.64 -4.56
N CYS A 20 -15.49 -11.82 -4.22
CA CYS A 20 -15.73 -13.09 -4.93
C CYS A 20 -15.04 -13.12 -6.29
N ASP A 25 -15.52 -15.08 1.81
CA ASP A 25 -15.34 -13.85 1.05
C ASP A 25 -13.89 -13.69 0.58
N ALA A 26 -13.70 -13.79 -0.73
CA ALA A 26 -12.41 -13.56 -1.37
C ALA A 26 -12.36 -12.12 -1.90
N LEU A 27 -11.33 -11.39 -1.51
CA LEU A 27 -11.06 -10.07 -2.08
C LEU A 27 -10.31 -10.24 -3.39
N VAL A 28 -10.66 -9.43 -4.39
CA VAL A 28 -9.97 -9.46 -5.67
C VAL A 28 -9.84 -8.03 -6.18
N THR A 29 -8.87 -7.83 -7.08
CA THR A 29 -8.73 -6.58 -7.82
C THR A 29 -8.82 -6.86 -9.31
N LYS A 30 -9.17 -5.85 -10.10
CA LYS A 30 -9.23 -5.99 -11.55
C LYS A 30 -7.80 -6.07 -12.09
N ASN A 31 -7.49 -7.17 -12.78
CA ASN A 31 -6.14 -7.38 -13.29
C ASN A 31 -5.78 -6.36 -14.37
N LEU A 32 -4.79 -5.52 -14.10
CA LEU A 32 -4.31 -4.55 -15.08
C LEU A 32 -3.61 -5.23 -16.25
N VAL A 33 -3.14 -6.46 -16.05
CA VAL A 33 -2.41 -7.22 -17.08
C VAL A 33 -3.12 -8.55 -17.27
N PRO A 34 -4.29 -8.57 -17.92
CA PRO A 34 -5.03 -9.84 -18.06
C PRO A 34 -4.13 -10.96 -18.58
N GLY A 35 -4.24 -12.13 -17.97
CA GLY A 35 -3.47 -13.28 -18.36
C GLY A 35 -2.26 -13.58 -17.50
N GLU A 36 -1.84 -12.63 -16.66
CA GLU A 36 -0.62 -12.75 -15.86
C GLU A 36 -0.96 -12.79 -14.38
N SER A 37 -0.42 -13.77 -13.66
CA SER A 37 -0.34 -13.74 -12.21
C SER A 37 1.04 -13.23 -11.79
N VAL A 38 1.09 -12.64 -10.60
CA VAL A 38 2.32 -12.07 -10.07
C VAL A 38 2.99 -12.99 -9.07
N TYR A 39 2.22 -13.62 -8.19
CA TYR A 39 2.80 -14.44 -7.15
C TYR A 39 2.05 -15.77 -6.99
N GLY A 40 1.50 -16.28 -8.08
CA GLY A 40 0.78 -17.55 -8.03
C GLY A 40 -0.68 -17.43 -7.70
N GLU A 41 -1.20 -16.21 -7.63
CA GLU A 41 -2.57 -16.02 -7.17
C GLU A 41 -3.56 -16.53 -8.22
N LYS A 42 -4.72 -16.94 -7.75
CA LYS A 42 -5.80 -17.35 -8.63
C LYS A 42 -6.32 -16.15 -9.43
N ARG A 43 -6.66 -16.38 -10.69
CA ARG A 43 -7.30 -15.37 -11.52
C ARG A 43 -8.69 -15.86 -11.90
N VAL A 44 -9.64 -14.93 -11.99
CA VAL A 44 -11.02 -15.21 -12.33
C VAL A 44 -11.37 -14.29 -13.50
N SER A 45 -11.63 -14.88 -14.66
CA SER A 45 -12.01 -14.13 -15.84
C SER A 45 -13.47 -14.39 -16.16
N ILE A 46 -14.25 -13.31 -16.30
CA ILE A 46 -15.69 -13.37 -16.51
C ILE A 46 -15.99 -12.79 -17.89
N SER A 47 -16.50 -13.64 -18.79
CA SER A 47 -16.81 -13.26 -20.16
C SER A 47 -18.32 -13.20 -20.35
N GLU A 48 -18.78 -12.19 -21.09
CA GLU A 48 -20.21 -12.03 -21.32
C GLU A 48 -20.38 -11.29 -22.64
N GLY A 49 -20.77 -12.03 -23.68
CA GLY A 49 -20.84 -11.44 -25.01
C GLY A 49 -19.44 -11.18 -25.50
N ASP A 50 -19.19 -9.93 -25.92
CA ASP A 50 -17.85 -9.49 -26.26
C ASP A 50 -17.13 -8.83 -25.09
N ASP A 51 -17.83 -8.62 -23.96
CA ASP A 51 -17.21 -8.09 -22.76
C ASP A 51 -16.36 -9.15 -22.07
N LYS A 52 -15.26 -8.70 -21.44
CA LYS A 52 -14.37 -9.59 -20.70
C LYS A 52 -13.66 -8.80 -19.62
N ILE A 53 -13.59 -9.36 -18.41
CA ILE A 53 -12.88 -8.74 -17.29
C ILE A 53 -12.27 -9.82 -16.42
N GLU A 54 -11.01 -9.65 -16.03
CA GLU A 54 -10.32 -10.59 -15.17
C GLU A 54 -9.98 -9.96 -13.82
N TYR A 55 -10.12 -10.73 -12.76
CA TYR A 55 -9.74 -10.30 -11.41
C TYR A 55 -8.64 -11.20 -10.87
N ARG A 56 -7.92 -10.69 -9.87
CA ARG A 56 -6.82 -11.39 -9.22
C ARG A 56 -7.15 -11.52 -7.75
N ALA A 57 -7.06 -12.74 -7.23
CA ALA A 57 -7.30 -12.96 -5.80
C ALA A 57 -6.20 -12.27 -5.00
N TRP A 58 -6.58 -11.70 -3.88
CA TRP A 58 -5.71 -10.85 -3.06
C TRP A 58 -5.64 -11.50 -1.69
N ASN A 59 -4.45 -12.04 -1.35
CA ASN A 59 -4.29 -12.90 -0.20
C ASN A 59 -4.01 -12.08 1.05
N PRO A 60 -4.91 -12.09 2.04
CA PRO A 60 -4.68 -11.31 3.27
C PRO A 60 -3.61 -11.90 4.18
N PHE A 61 -3.21 -13.16 3.98
CA PHE A 61 -2.09 -13.71 4.72
C PHE A 61 -0.74 -13.32 4.13
N ARG A 62 -0.74 -12.72 2.96
CA ARG A 62 0.49 -12.16 2.40
C ARG A 62 0.50 -10.64 2.39
N SER A 63 -0.66 -10.02 2.31
CA SER A 63 -0.78 -8.59 2.07
C SER A 63 -1.48 -7.93 3.25
N LYS A 64 -0.76 -7.04 3.94
CA LYS A 64 -1.36 -6.38 5.09
C LYS A 64 -2.52 -5.52 4.66
N LEU A 65 -2.45 -4.92 3.46
CA LEU A 65 -3.56 -4.07 3.01
C LEU A 65 -4.84 -4.88 2.84
N ALA A 66 -4.72 -6.07 2.25
CA ALA A 66 -5.86 -6.97 2.14
C ALA A 66 -6.36 -7.38 3.50
N ALA A 67 -5.47 -7.64 4.44
CA ALA A 67 -5.92 -7.99 5.78
C ALA A 67 -6.68 -6.84 6.42
N ALA A 68 -6.24 -5.61 6.17
CA ALA A 68 -6.91 -4.45 6.75
C ALA A 68 -8.29 -4.25 6.14
N ILE A 69 -8.39 -4.46 4.82
CA ILE A 69 -9.70 -4.31 4.16
C ILE A 69 -10.68 -5.36 4.66
N LEU A 70 -10.25 -6.61 4.73
CA LEU A 70 -11.13 -7.61 5.30
C LEU A 70 -11.40 -7.36 6.79
N GLY A 71 -10.48 -6.72 7.49
CA GLY A 71 -10.75 -6.38 8.86
C GLY A 71 -11.66 -5.19 9.08
N GLY A 72 -12.11 -4.56 8.00
CA GLY A 72 -13.04 -3.45 8.09
C GLY A 72 -12.44 -2.06 8.25
N VAL A 73 -11.44 -1.71 7.47
CA VAL A 73 -10.89 -0.37 7.53
C VAL A 73 -11.87 0.55 6.81
N ASP A 74 -12.02 1.77 7.33
CA ASP A 74 -13.03 2.69 6.78
C ASP A 74 -12.58 3.29 5.45
N GLN A 75 -11.34 3.74 5.40
CA GLN A 75 -10.75 4.38 4.21
C GLN A 75 -9.43 3.69 3.91
N ILE A 76 -9.11 3.55 2.61
CA ILE A 76 -7.76 3.21 2.19
C ILE A 76 -7.12 4.27 1.31
N HIS A 77 -7.92 5.13 0.66
CA HIS A 77 -7.46 6.32 -0.06
C HIS A 77 -6.75 5.96 -1.36
N ILE A 78 -6.08 4.81 -1.37
CA ILE A 78 -5.69 4.15 -2.62
C ILE A 78 -6.94 3.88 -3.44
N LYS A 79 -7.07 4.55 -4.59
CA LYS A 79 -8.28 4.48 -5.39
C LYS A 79 -7.94 4.74 -6.85
N PRO A 80 -8.86 4.48 -7.77
CA PRO A 80 -8.60 4.80 -9.19
C PRO A 80 -8.09 6.20 -9.40
N GLY A 81 -6.96 6.30 -10.12
CA GLY A 81 -6.38 7.57 -10.46
C GLY A 81 -5.40 8.14 -9.45
N ALA A 82 -5.27 7.52 -8.28
CA ALA A 82 -4.42 8.06 -7.23
C ALA A 82 -2.94 7.88 -7.57
N LYS A 83 -2.13 8.82 -7.07
CA LYS A 83 -0.68 8.73 -7.10
C LYS A 83 -0.20 8.29 -5.73
N VAL A 84 0.51 7.16 -5.69
CA VAL A 84 0.84 6.48 -4.45
C VAL A 84 2.34 6.32 -4.33
N LEU A 85 2.90 6.75 -3.23
CA LEU A 85 4.28 6.49 -2.89
C LEU A 85 4.29 5.30 -1.95
N TYR A 86 4.82 4.17 -2.39
CA TYR A 86 4.80 2.92 -1.63
C TYR A 86 6.20 2.67 -1.08
N LEU A 87 6.37 2.83 0.21
CA LEU A 87 7.67 2.66 0.86
C LEU A 87 7.76 1.24 1.42
N GLY A 88 8.78 0.48 0.98
CA GLY A 88 8.93 -0.91 1.39
C GLY A 88 8.20 -1.87 0.48
N ALA A 89 8.35 -1.68 -0.83
CA ALA A 89 7.58 -2.40 -1.83
C ALA A 89 7.98 -3.87 -1.98
N ALA A 90 9.07 -4.30 -1.36
CA ALA A 90 9.49 -5.71 -1.40
C ALA A 90 9.47 -6.20 -2.85
N SER A 91 8.93 -7.38 -3.13
CA SER A 91 8.94 -7.96 -4.48
C SER A 91 7.72 -7.59 -5.29
N GLY A 92 6.79 -6.82 -4.72
CA GLY A 92 5.68 -6.30 -5.48
C GLY A 92 4.34 -6.96 -5.26
N THR A 93 4.20 -7.86 -4.28
CA THR A 93 2.95 -8.55 -4.03
C THR A 93 1.80 -7.57 -3.80
N THR A 94 1.89 -6.76 -2.73
CA THR A 94 0.85 -5.76 -2.51
C THR A 94 0.91 -4.67 -3.56
N VAL A 95 2.12 -4.25 -3.99
CA VAL A 95 2.19 -3.21 -5.01
C VAL A 95 1.36 -3.58 -6.24
N SER A 96 1.35 -4.87 -6.60
CA SER A 96 0.63 -5.25 -7.81
C SER A 96 -0.86 -4.98 -7.67
N HIS A 97 -1.40 -5.17 -6.48
CA HIS A 97 -2.82 -4.88 -6.28
C HIS A 97 -3.07 -3.39 -6.17
N VAL A 98 -2.15 -2.64 -5.56
CA VAL A 98 -2.25 -1.16 -5.60
C VAL A 98 -2.26 -0.67 -7.05
N SER A 99 -1.39 -1.25 -7.87
CA SER A 99 -1.37 -0.91 -9.28
C SER A 99 -2.69 -1.23 -9.98
N ASP A 100 -3.28 -2.37 -9.66
CA ASP A 100 -4.60 -2.68 -10.20
C ASP A 100 -5.60 -1.61 -9.79
N ILE A 101 -5.58 -1.22 -8.51
CA ILE A 101 -6.60 -0.32 -7.98
C ILE A 101 -6.48 1.07 -8.61
N VAL A 102 -5.26 1.62 -8.66
CA VAL A 102 -5.17 2.97 -9.17
C VAL A 102 -5.36 3.00 -10.67
N GLY A 103 -5.08 1.91 -11.36
CA GLY A 103 -5.38 1.80 -12.78
C GLY A 103 -4.46 2.60 -13.67
N PRO A 104 -4.79 2.62 -14.97
CA PRO A 104 -3.88 3.23 -15.95
C PRO A 104 -3.62 4.71 -15.75
N ASP A 105 -4.54 5.44 -15.15
CA ASP A 105 -4.37 6.88 -14.94
C ASP A 105 -3.73 7.20 -13.59
N GLY A 106 -3.51 6.19 -12.74
CA GLY A 106 -2.79 6.38 -11.49
C GLY A 106 -1.31 6.09 -11.62
N LEU A 107 -0.64 6.13 -10.49
CA LEU A 107 0.80 5.92 -10.45
C LEU A 107 1.15 5.33 -9.09
N VAL A 108 2.07 4.36 -9.11
CA VAL A 108 2.64 3.77 -7.88
C VAL A 108 4.15 3.86 -7.98
N TYR A 109 4.78 4.63 -7.09
CA TYR A 109 6.22 4.59 -6.93
C TYR A 109 6.53 3.48 -5.94
N ALA A 110 7.30 2.49 -6.36
CA ALA A 110 7.59 1.33 -5.54
C ALA A 110 9.03 1.47 -5.05
N VAL A 111 9.18 1.98 -3.82
CA VAL A 111 10.49 2.21 -3.25
C VAL A 111 10.90 0.97 -2.44
N GLU A 112 12.09 0.42 -2.74
CA GLU A 112 12.54 -0.79 -2.07
C GLU A 112 14.06 -0.84 -2.15
N PHE A 113 14.75 -1.02 -0.99
CA PHE A 113 16.21 -0.93 -1.10
C PHE A 113 16.90 -2.26 -1.36
N SER A 114 16.18 -3.37 -1.37
CA SER A 114 16.82 -4.66 -1.64
C SER A 114 17.00 -4.85 -3.15
N HIS A 115 18.24 -5.09 -3.59
CA HIS A 115 18.45 -5.30 -5.02
C HIS A 115 17.79 -6.60 -5.49
N ARG A 116 17.79 -7.63 -4.65
CA ARG A 116 17.11 -8.86 -5.03
C ARG A 116 15.61 -8.62 -5.22
N SER A 117 14.95 -8.01 -4.23
CA SER A 117 13.54 -7.69 -4.43
C SER A 117 13.36 -6.71 -5.55
N GLY A 118 14.31 -5.78 -5.70
CA GLY A 118 14.19 -4.79 -6.75
C GLY A 118 14.10 -5.38 -8.14
N ARG A 119 14.81 -6.49 -8.38
CA ARG A 119 14.69 -7.13 -9.69
C ARG A 119 13.28 -7.67 -9.92
N ASP A 120 12.62 -8.19 -8.88
CA ASP A 120 11.22 -8.59 -9.03
C ASP A 120 10.34 -7.39 -9.38
N LEU A 121 10.57 -6.26 -8.71
CA LEU A 121 9.78 -5.07 -9.01
C LEU A 121 9.98 -4.59 -10.42
N ILE A 122 11.23 -4.63 -10.91
CA ILE A 122 11.47 -4.20 -12.27
C ILE A 122 10.76 -5.09 -13.26
N ASN A 123 10.80 -6.41 -13.03
CA ASN A 123 10.05 -7.30 -13.91
C ASN A 123 8.56 -7.03 -13.82
N LEU A 124 8.05 -6.78 -12.63
CA LEU A 124 6.61 -6.48 -12.49
C LEU A 124 6.24 -5.22 -13.27
N ALA A 125 7.07 -4.18 -13.15
CA ALA A 125 6.79 -2.89 -13.80
C ALA A 125 6.96 -2.93 -15.32
N LYS A 126 7.60 -3.97 -15.87
CA LYS A 126 7.69 -4.05 -17.33
C LYS A 126 6.30 -4.13 -17.95
N LYS A 127 5.39 -4.87 -17.32
CA LYS A 127 4.03 -5.05 -17.80
C LYS A 127 3.09 -3.96 -17.35
N ARG A 128 3.40 -3.30 -16.24
CA ARG A 128 2.50 -2.35 -15.58
C ARG A 128 3.08 -0.97 -15.79
N THR A 129 2.48 -0.20 -16.70
CA THR A 129 3.08 1.09 -17.02
C THR A 129 2.98 2.03 -15.82
N ASN A 130 2.07 1.75 -14.89
CA ASN A 130 1.82 2.69 -13.79
C ASN A 130 2.68 2.44 -12.57
N ILE A 131 3.62 1.52 -12.64
CA ILE A 131 4.58 1.31 -11.57
C ILE A 131 5.93 1.89 -11.95
N ILE A 132 6.49 2.69 -11.06
CA ILE A 132 7.86 3.20 -11.17
C ILE A 132 8.69 2.53 -10.07
N PRO A 133 9.62 1.65 -10.43
CA PRO A 133 10.49 1.04 -9.41
C PRO A 133 11.58 2.03 -9.02
N VAL A 134 11.74 2.24 -7.71
CA VAL A 134 12.70 3.19 -7.16
C VAL A 134 13.54 2.37 -6.19
N ILE A 135 14.70 1.89 -6.66
CA ILE A 135 15.49 0.95 -5.86
C ILE A 135 16.45 1.79 -5.03
N GLU A 136 15.99 2.22 -3.85
CA GLU A 136 16.68 3.18 -3.03
C GLU A 136 16.28 3.00 -1.59
N ASP A 137 17.12 3.56 -0.72
CA ASP A 137 16.88 3.64 0.72
C ASP A 137 15.94 4.79 1.04
N ALA A 138 14.74 4.49 1.58
CA ALA A 138 13.74 5.49 1.85
C ALA A 138 14.16 6.47 2.94
N ARG A 139 15.25 6.20 3.66
CA ARG A 139 15.79 7.18 4.59
C ARG A 139 16.41 8.38 3.90
N HIS A 140 16.73 8.30 2.61
CA HIS A 140 17.45 9.37 1.91
C HIS A 140 16.70 9.82 0.68
N PRO A 141 15.52 10.40 0.89
CA PRO A 141 14.70 10.82 -0.24
C PRO A 141 15.37 11.84 -1.13
N HIS A 142 16.38 12.54 -0.65
CA HIS A 142 17.10 13.47 -1.51
C HIS A 142 17.71 12.74 -2.70
N LYS A 143 17.97 11.44 -2.57
CA LYS A 143 18.58 10.68 -3.65
C LYS A 143 17.62 10.41 -4.80
N TYR A 144 16.32 10.45 -4.57
CA TYR A 144 15.32 10.16 -5.60
C TYR A 144 14.24 11.22 -5.70
N ARG A 145 14.39 12.35 -5.00
CA ARG A 145 13.30 13.32 -5.01
C ARG A 145 13.02 13.84 -6.41
N MET A 146 14.00 13.85 -7.30
CA MET A 146 13.72 14.35 -8.63
C MET A 146 12.91 13.39 -9.48
N LEU A 147 12.71 12.15 -9.02
CA LEU A 147 11.86 11.22 -9.71
C LEU A 147 10.40 11.21 -9.25
N ILE A 148 10.07 11.78 -8.10
CA ILE A 148 8.76 11.56 -7.52
C ILE A 148 7.96 12.85 -7.54
N ALA A 149 6.93 12.86 -8.37
CA ALA A 149 5.93 13.90 -8.42
C ALA A 149 5.09 13.83 -7.14
N MET A 150 4.52 14.97 -6.75
N MET A 150 4.47 14.96 -6.79
CA MET A 150 3.72 15.00 -5.52
CA MET A 150 3.66 15.00 -5.58
C MET A 150 2.60 13.97 -5.60
C MET A 150 2.58 13.92 -5.62
N VAL A 151 2.42 13.23 -4.50
CA VAL A 151 1.51 12.10 -4.46
C VAL A 151 0.29 12.40 -3.58
N ASP A 152 -0.71 11.57 -3.72
CA ASP A 152 -1.96 11.65 -2.97
C ASP A 152 -1.93 10.82 -1.70
N VAL A 153 -1.13 9.77 -1.68
CA VAL A 153 -1.15 8.77 -0.60
C VAL A 153 0.27 8.26 -0.43
N ILE A 154 0.71 8.06 0.81
CA ILE A 154 1.89 7.26 1.08
C ILE A 154 1.40 5.98 1.74
N PHE A 155 1.84 4.85 1.22
CA PHE A 155 1.68 3.54 1.87
C PHE A 155 3.05 3.12 2.37
N ALA A 156 3.16 2.75 3.67
CA ALA A 156 4.48 2.44 4.19
C ALA A 156 4.45 1.10 4.91
N ASP A 157 5.37 0.22 4.54
CA ASP A 157 5.60 -1.06 5.18
C ASP A 157 7.10 -1.30 5.22
N VAL A 158 7.85 -0.44 5.93
CA VAL A 158 9.30 -0.63 5.93
C VAL A 158 9.83 -1.44 7.11
N ALA A 159 9.05 -1.58 8.18
CA ALA A 159 9.38 -2.49 9.29
C ALA A 159 10.76 -2.17 9.87
N GLN A 160 10.89 -0.95 10.37
CA GLN A 160 12.11 -0.43 10.95
C GLN A 160 11.74 0.31 12.22
N PRO A 161 12.60 0.28 13.23
CA PRO A 161 12.30 1.07 14.42
C PRO A 161 12.03 2.54 14.12
N ASP A 162 12.76 3.11 13.15
CA ASP A 162 12.62 4.53 12.83
C ASP A 162 11.69 4.76 11.64
N GLN A 163 10.75 3.84 11.37
CA GLN A 163 9.94 4.02 10.17
C GLN A 163 9.01 5.22 10.26
N THR A 164 8.57 5.63 11.45
CA THR A 164 7.74 6.82 11.46
C THR A 164 8.50 8.04 10.98
N ARG A 165 9.74 8.19 11.42
CA ARG A 165 10.53 9.33 10.97
C ARG A 165 10.82 9.24 9.48
N ILE A 166 11.07 8.03 8.98
CA ILE A 166 11.26 7.84 7.52
C ILE A 166 10.02 8.24 6.73
N VAL A 167 8.85 7.78 7.19
CA VAL A 167 7.62 8.11 6.47
C VAL A 167 7.36 9.60 6.55
N ALA A 168 7.56 10.20 7.73
CA ALA A 168 7.39 11.64 7.86
C ALA A 168 8.30 12.42 6.91
N LEU A 169 9.56 12.01 6.80
CA LEU A 169 10.49 12.67 5.89
C LEU A 169 10.02 12.60 4.45
N ASN A 170 9.48 11.45 4.06
CA ASN A 170 8.94 11.31 2.71
C ASN A 170 7.64 12.08 2.58
N ALA A 171 6.88 12.21 3.66
CA ALA A 171 5.61 12.93 3.57
C ALA A 171 5.90 14.40 3.36
N HIS A 172 6.87 14.92 4.09
CA HIS A 172 7.20 16.34 3.99
C HIS A 172 7.70 16.68 2.60
N THR A 173 8.31 15.73 1.92
CA THR A 173 8.87 15.94 0.59
C THR A 173 7.83 15.75 -0.50
N PHE A 174 6.95 14.77 -0.37
CA PHE A 174 6.17 14.27 -1.50
C PHE A 174 4.69 14.29 -1.35
N LEU A 175 4.14 14.36 -0.12
CA LEU A 175 2.72 14.16 0.06
C LEU A 175 2.00 15.51 0.03
N ARG A 176 0.93 15.57 -0.74
CA ARG A 176 0.18 16.81 -0.85
C ARG A 176 -0.50 17.14 0.46
N ASN A 177 -0.67 18.43 0.72
CA ASN A 177 -1.48 18.86 1.88
C ASN A 177 -2.87 18.27 1.73
N GLY A 178 -3.32 17.58 2.78
CA GLY A 178 -4.59 16.90 2.74
C GLY A 178 -4.55 15.54 2.09
N GLY A 179 -3.39 15.09 1.66
CA GLY A 179 -3.24 13.72 1.22
C GLY A 179 -3.24 12.81 2.44
N HIS A 180 -3.08 11.51 2.18
CA HIS A 180 -3.33 10.53 3.23
C HIS A 180 -2.19 9.54 3.31
N PHE A 181 -2.14 8.82 4.43
CA PHE A 181 -1.10 7.83 4.64
C PHE A 181 -1.77 6.58 5.20
N VAL A 182 -1.14 5.46 4.89
CA VAL A 182 -1.54 4.15 5.36
C VAL A 182 -0.26 3.47 5.79
N ILE A 183 -0.10 3.21 7.09
CA ILE A 183 1.17 2.75 7.62
C ILE A 183 0.97 1.40 8.32
N SER A 184 1.72 0.41 7.89
CA SER A 184 1.74 -0.92 8.49
C SER A 184 2.80 -0.96 9.58
N ILE A 185 2.43 -1.45 10.76
CA ILE A 185 3.32 -1.42 11.91
C ILE A 185 3.38 -2.81 12.51
N LYS A 186 4.51 -3.51 12.33
CA LYS A 186 4.76 -4.78 13.01
C LYS A 186 5.45 -4.46 14.33
N ALA A 187 4.77 -4.73 15.45
CA ALA A 187 5.26 -4.18 16.70
C ALA A 187 6.66 -4.69 17.03
N ASN A 188 6.92 -5.99 16.86
CA ASN A 188 8.22 -6.45 17.30
C ASN A 188 9.34 -6.08 16.34
N CYS A 189 9.00 -5.49 15.17
CA CYS A 189 10.04 -4.87 14.34
C CYS A 189 10.40 -3.47 14.81
N ILE A 190 9.51 -2.77 15.49
CA ILE A 190 9.84 -1.47 16.06
C ILE A 190 10.60 -1.62 17.36
N ASP A 191 10.07 -2.43 18.29
CA ASP A 191 10.70 -2.57 19.60
C ASP A 191 10.20 -3.87 20.20
N SER A 192 11.02 -4.91 20.13
CA SER A 192 10.54 -6.24 20.52
C SER A 192 10.45 -6.44 22.03
N THR A 193 10.97 -5.51 22.79
CA THR A 193 10.84 -5.58 24.25
C THR A 193 9.67 -4.75 24.78
N ALA A 194 8.89 -4.09 23.92
CA ALA A 194 7.69 -3.35 24.30
C ALA A 194 6.45 -4.13 23.92
N SER A 195 5.34 -3.88 24.63
CA SER A 195 4.09 -4.48 24.23
C SER A 195 3.61 -3.84 22.94
N ALA A 196 2.79 -4.58 22.22
CA ALA A 196 2.22 -4.06 20.99
C ALA A 196 1.53 -2.74 21.26
N GLU A 197 0.74 -2.68 22.36
CA GLU A 197 0.05 -1.44 22.65
C GLU A 197 1.03 -0.29 22.84
N ALA A 198 2.13 -0.55 23.56
CA ALA A 198 3.07 0.52 23.80
C ALA A 198 3.71 0.99 22.50
N VAL A 199 4.01 0.05 21.61
CA VAL A 199 4.59 0.42 20.31
C VAL A 199 3.59 1.24 19.50
N PHE A 200 2.36 0.76 19.39
CA PHE A 200 1.39 1.45 18.55
C PHE A 200 1.08 2.84 19.11
N ALA A 201 0.94 2.95 20.43
CA ALA A 201 0.70 4.27 21.02
C ALA A 201 1.88 5.21 20.73
N SER A 202 3.10 4.71 20.86
CA SER A 202 4.29 5.51 20.63
C SER A 202 4.38 5.98 19.19
N GLU A 203 4.08 5.11 18.23
CA GLU A 203 4.15 5.49 16.80
C GLU A 203 3.04 6.45 16.45
N VAL A 204 1.82 6.23 16.99
CA VAL A 204 0.74 7.14 16.70
C VAL A 204 1.08 8.53 17.24
N LYS A 205 1.71 8.57 18.41
CA LYS A 205 2.07 9.85 19.03
C LYS A 205 3.04 10.62 18.14
N LYS A 206 4.08 9.92 17.66
CA LYS A 206 5.07 10.50 16.75
C LYS A 206 4.41 10.99 15.45
N MET A 207 3.54 10.17 14.86
CA MET A 207 2.80 10.63 13.69
C MET A 207 2.11 11.97 13.94
N GLN A 208 1.38 12.09 15.05
CA GLN A 208 0.68 13.35 15.36
C GLN A 208 1.65 14.52 15.41
N GLN A 209 2.85 14.29 15.90
CA GLN A 209 3.85 15.33 16.00
C GLN A 209 4.45 15.75 14.68
N GLU A 210 4.12 15.06 13.60
CA GLU A 210 4.60 15.41 12.26
C GLU A 210 3.43 15.83 11.38
N ASN A 211 2.31 16.18 12.00
CA ASN A 211 1.08 16.58 11.33
C ASN A 211 0.53 15.48 10.47
N MET A 212 0.90 14.26 10.81
CA MET A 212 0.26 13.07 10.27
C MET A 212 -0.77 12.64 11.27
N LYS A 213 -2.03 13.03 11.02
CA LYS A 213 -3.11 12.87 11.99
C LYS A 213 -3.81 11.54 11.75
N PRO A 214 -3.67 10.55 12.62
CA PRO A 214 -4.46 9.33 12.46
C PRO A 214 -5.95 9.57 12.50
N GLN A 215 -6.64 8.90 11.62
CA GLN A 215 -8.09 8.89 11.53
C GLN A 215 -8.68 7.54 11.84
N GLU A 216 -7.88 6.49 11.79
CA GLU A 216 -8.32 5.17 12.29
C GLU A 216 -7.10 4.27 12.42
N GLN A 217 -7.22 3.29 13.29
CA GLN A 217 -6.15 2.29 13.46
C GLN A 217 -6.84 0.99 13.79
N LEU A 218 -6.23 -0.10 13.33
CA LEU A 218 -6.78 -1.41 13.57
C LEU A 218 -5.62 -2.39 13.61
N THR A 219 -5.88 -3.55 14.17
CA THR A 219 -4.92 -4.64 14.11
C THR A 219 -5.45 -5.67 13.12
N LEU A 220 -4.65 -6.71 12.87
CA LEU A 220 -4.84 -7.53 11.69
C LEU A 220 -5.13 -8.99 12.03
N GLU A 221 -5.56 -9.29 13.25
CA GLU A 221 -5.97 -10.67 13.54
C GLU A 221 -7.17 -11.03 12.67
N PRO A 222 -7.27 -12.28 12.19
CA PRO A 222 -6.42 -13.44 12.46
C PRO A 222 -5.28 -13.63 11.47
N TYR A 223 -5.05 -12.65 10.61
CA TYR A 223 -4.03 -12.78 9.58
C TYR A 223 -2.63 -12.56 10.14
N GLU A 224 -2.47 -11.65 11.09
CA GLU A 224 -1.15 -11.36 11.66
C GLU A 224 -1.29 -11.07 13.14
N ARG A 225 -0.24 -11.38 13.89
CA ARG A 225 -0.21 -11.06 15.31
C ARG A 225 0.51 -9.74 15.54
N ASP A 226 -0.06 -8.93 16.45
CA ASP A 226 0.58 -7.70 16.92
C ASP A 226 1.08 -6.87 15.72
N HIS A 227 0.17 -6.63 14.79
CA HIS A 227 0.41 -5.88 13.57
C HIS A 227 -0.72 -4.90 13.34
N ALA A 228 -0.39 -3.60 13.25
CA ALA A 228 -1.40 -2.57 13.10
C ALA A 228 -1.28 -1.93 11.73
N VAL A 229 -2.42 -1.40 11.27
CA VAL A 229 -2.49 -0.43 10.18
C VAL A 229 -3.11 0.85 10.72
N VAL A 230 -2.46 1.97 10.42
CA VAL A 230 -2.90 3.29 10.82
C VAL A 230 -3.14 4.06 9.54
N VAL A 231 -4.34 4.65 9.40
CA VAL A 231 -4.71 5.47 8.26
C VAL A 231 -5.00 6.88 8.75
N GLY A 232 -4.55 7.86 7.98
CA GLY A 232 -4.69 9.23 8.40
C GLY A 232 -4.47 10.24 7.29
N VAL A 233 -4.50 11.49 7.70
CA VAL A 233 -4.46 12.64 6.81
C VAL A 233 -3.31 13.52 7.21
N TYR A 234 -2.65 14.10 6.21
CA TYR A 234 -1.47 14.92 6.36
C TYR A 234 -1.92 16.37 6.28
N ARG A 235 -1.66 17.15 7.34
CA ARG A 235 -2.12 18.54 7.45
C ARG A 235 -0.95 19.38 7.91
N PRO A 236 0.04 19.59 7.07
CA PRO A 236 1.28 20.24 7.49
C PRO A 236 1.07 21.73 7.67
N PRO A 237 1.98 22.39 8.37
CA PRO A 237 1.87 23.85 8.57
C PRO A 237 2.13 24.61 7.29
N PRO A 238 1.73 25.89 7.24
CA PRO A 238 2.19 26.77 6.16
C PRO A 238 3.68 27.12 6.29
#